data_9F4G
#
_entry.id   9F4G
#
_cell.length_a   37.943
_cell.length_b   43.855
_cell.length_c   55.829
_cell.angle_alpha   90.000
_cell.angle_beta   94.120
_cell.angle_gamma   90.000
#
_symmetry.space_group_name_H-M   'P 1 21 1'
#
loop_
_entity.id
_entity.type
_entity.pdbx_description
1 polymer 'Heterogeneous nuclear ribonucleoprotein A1, N-terminally processed'
2 non-polymer 4-(3-fluoranylpyridin-2-yl)-1-methyl-piperazin-2-one
3 water water
#
_entity_poly.entity_id   1
_entity_poly.type   'polypeptide(L)'
_entity_poly.pdbx_seq_one_letter_code
;GPMGSKSESPKEPEQLRKLFIGGLSFETTDESLRSHFEQWGTLTDCVVMRDPNTKRSRGFGFVTYATVEEVDAAMNARPH
KVDGRVVEPKRAVSREDSQRPGAHLTVKKIFVGGIKEDTEEHHLRDYFEQYGKIEVIEIMTDRGSGKKRGFAFVTFDDHD
SVDKIVIQKYHTVNGHNCEVRKALSKQEMASASSSQRG
;
_entity_poly.pdbx_strand_id   A
#
# COMPACT_ATOMS: atom_id res chain seq x y z
N PRO A 10 20.55 -0.09 11.18
CA PRO A 10 19.24 -0.56 11.64
C PRO A 10 18.22 -0.61 10.49
N LYS A 11 18.14 -1.76 9.82
CA LYS A 11 17.32 -1.87 8.62
C LYS A 11 15.86 -2.09 8.98
N GLU A 12 14.99 -1.54 8.15
CA GLU A 12 13.56 -1.79 8.29
C GLU A 12 13.29 -3.29 8.15
N PRO A 13 12.27 -3.82 8.83
CA PRO A 13 11.96 -5.24 8.69
C PRO A 13 11.74 -5.62 7.23
N GLU A 14 12.32 -6.76 6.86
CA GLU A 14 12.26 -7.22 5.47
C GLU A 14 10.83 -7.27 4.93
N GLN A 15 9.87 -7.67 5.77
CA GLN A 15 8.49 -7.77 5.31
C GLN A 15 7.99 -6.46 4.75
N LEU A 16 8.46 -5.34 5.29
CA LEU A 16 8.01 -4.02 4.85
C LEU A 16 8.77 -3.54 3.61
N ARG A 17 9.73 -4.33 3.13
CA ARG A 17 10.55 -3.95 1.98
C ARG A 17 10.21 -4.78 0.76
N LYS A 18 9.22 -5.66 0.85
CA LYS A 18 8.87 -6.57 -0.22
C LYS A 18 7.73 -6.02 -1.06
N LEU A 19 7.76 -6.32 -2.34
CA LEU A 19 6.60 -6.12 -3.18
C LEU A 19 6.25 -7.44 -3.84
N PHE A 20 4.98 -7.82 -3.73
N PHE A 20 4.98 -7.80 -3.80
CA PHE A 20 4.42 -8.89 -4.53
CA PHE A 20 4.52 -8.95 -4.56
C PHE A 20 4.17 -8.30 -5.91
C PHE A 20 3.99 -8.46 -5.89
N ILE A 21 4.53 -9.03 -6.95
CA ILE A 21 4.30 -8.56 -8.31
C ILE A 21 3.39 -9.59 -8.99
N GLY A 22 2.11 -9.28 -9.13
CA GLY A 22 1.20 -10.15 -9.85
C GLY A 22 1.08 -9.79 -11.33
N GLY A 23 0.48 -10.73 -12.07
CA GLY A 23 0.23 -10.49 -13.48
C GLY A 23 1.46 -10.56 -14.36
N LEU A 24 2.48 -11.30 -13.97
CA LEU A 24 3.68 -11.35 -14.77
C LEU A 24 3.42 -12.05 -16.10
N SER A 25 4.15 -11.61 -17.12
CA SER A 25 4.31 -12.45 -18.29
C SER A 25 4.98 -13.76 -17.89
N PHE A 26 4.50 -14.87 -18.47
CA PHE A 26 5.12 -16.14 -18.18
C PHE A 26 6.56 -16.19 -18.66
N GLU A 27 6.92 -15.23 -19.50
CA GLU A 27 8.32 -15.22 -19.92
C GLU A 27 9.22 -14.35 -19.04
N THR A 28 8.72 -13.72 -18.02
CA THR A 28 9.57 -13.00 -17.07
C THR A 28 10.36 -13.96 -16.21
N THR A 29 11.64 -13.64 -16.02
CA THR A 29 12.56 -14.47 -15.26
C THR A 29 13.05 -13.69 -14.06
N ASP A 30 13.73 -14.39 -13.14
CA ASP A 30 14.37 -13.69 -12.01
C ASP A 30 15.18 -12.54 -12.53
N GLU A 31 15.91 -12.76 -13.62
CA GLU A 31 16.84 -11.75 -14.12
C GLU A 31 16.11 -10.57 -14.75
N SER A 32 15.06 -10.83 -15.54
CA SER A 32 14.36 -9.71 -16.16
C SER A 32 13.51 -8.95 -15.16
N LEU A 33 12.95 -9.63 -14.17
CA LEU A 33 12.23 -8.93 -13.11
C LEU A 33 13.19 -8.03 -12.33
N ARG A 34 14.38 -8.54 -12.04
CA ARG A 34 15.38 -7.77 -11.31
C ARG A 34 15.84 -6.56 -12.12
N SER A 35 16.16 -6.78 -13.40
CA SER A 35 16.61 -5.68 -14.24
C SER A 35 15.59 -4.56 -14.26
N HIS A 36 14.31 -4.91 -14.34
CA HIS A 36 13.27 -3.90 -14.35
C HIS A 36 13.22 -3.14 -13.02
N PHE A 37 13.07 -3.87 -11.91
CA PHE A 37 12.79 -3.21 -10.65
C PHE A 37 14.03 -2.57 -10.02
N GLU A 38 15.23 -2.95 -10.45
CA GLU A 38 16.43 -2.28 -9.95
C GLU A 38 16.47 -0.81 -10.37
N GLN A 39 15.60 -0.39 -11.28
CA GLN A 39 15.60 1.03 -11.65
C GLN A 39 15.19 1.91 -10.49
N TRP A 40 14.52 1.37 -9.47
CA TRP A 40 14.00 2.17 -8.36
C TRP A 40 14.67 1.86 -7.03
N GLY A 41 15.69 1.03 -7.01
CA GLY A 41 16.43 0.81 -5.78
C GLY A 41 17.22 -0.48 -5.84
N THR A 42 18.01 -0.67 -4.78
CA THR A 42 18.78 -1.89 -4.63
C THR A 42 17.88 -3.06 -4.26
N LEU A 43 17.96 -4.14 -5.01
CA LEU A 43 17.18 -5.34 -4.72
C LEU A 43 18.03 -6.36 -3.98
N THR A 44 17.63 -6.68 -2.74
CA THR A 44 18.27 -7.76 -1.99
C THR A 44 17.72 -9.13 -2.35
N ASP A 45 16.58 -9.21 -3.02
CA ASP A 45 16.01 -10.48 -3.42
C ASP A 45 15.05 -10.21 -4.59
N CYS A 46 14.92 -11.18 -5.46
CA CYS A 46 14.04 -11.04 -6.62
C CYS A 46 13.76 -12.44 -7.16
N VAL A 47 12.51 -12.86 -7.15
CA VAL A 47 12.20 -14.23 -7.55
C VAL A 47 10.88 -14.31 -8.29
N VAL A 48 10.87 -15.12 -9.34
CA VAL A 48 9.63 -15.46 -10.06
C VAL A 48 9.17 -16.82 -9.52
N MET A 49 7.92 -16.88 -9.10
CA MET A 49 7.38 -18.16 -8.63
C MET A 49 7.10 -19.09 -9.82
N ARG A 50 7.55 -20.33 -9.67
CA ARG A 50 7.39 -21.31 -10.76
C ARG A 50 6.85 -22.64 -10.22
N ASP A 51 6.26 -23.41 -11.13
CA ASP A 51 5.82 -24.74 -10.76
C ASP A 51 7.03 -25.61 -10.42
N PRO A 52 6.95 -26.42 -9.36
CA PRO A 52 8.14 -27.23 -9.00
C PRO A 52 8.48 -28.34 -9.98
N ASN A 53 7.52 -28.80 -10.77
CA ASN A 53 7.77 -29.87 -11.73
C ASN A 53 8.03 -29.35 -13.14
N THR A 54 7.19 -28.45 -13.64
CA THR A 54 7.30 -28.01 -15.03
C THR A 54 8.23 -26.81 -15.20
N LYS A 55 8.53 -26.09 -14.11
CA LYS A 55 9.26 -24.82 -14.14
C LYS A 55 8.50 -23.71 -14.84
N ARG A 56 7.26 -23.96 -15.25
CA ARG A 56 6.47 -22.91 -15.88
C ARG A 56 6.10 -21.87 -14.83
N SER A 57 6.22 -20.60 -15.23
CA SER A 57 5.89 -19.49 -14.34
C SER A 57 4.47 -19.60 -13.81
N ARG A 58 4.32 -19.23 -12.54
CA ARG A 58 3.02 -19.11 -11.91
C ARG A 58 2.43 -17.73 -12.11
N GLY A 59 3.13 -16.85 -12.82
CA GLY A 59 2.56 -15.55 -13.14
C GLY A 59 2.70 -14.50 -12.06
N PHE A 60 3.45 -14.78 -11.00
CA PHE A 60 3.71 -13.78 -9.97
C PHE A 60 5.09 -14.02 -9.38
N GLY A 61 5.59 -13.00 -8.70
CA GLY A 61 6.87 -13.08 -8.05
C GLY A 61 6.95 -12.02 -6.96
N PHE A 62 8.16 -11.85 -6.45
N PHE A 62 8.16 -11.85 -6.44
CA PHE A 62 8.41 -10.90 -5.38
CA PHE A 62 8.36 -10.83 -5.41
C PHE A 62 9.75 -10.23 -5.62
C PHE A 62 9.76 -10.26 -5.50
N VAL A 63 9.86 -8.97 -5.19
CA VAL A 63 11.15 -8.28 -5.13
C VAL A 63 11.26 -7.71 -3.73
N THR A 64 12.48 -7.63 -3.22
CA THR A 64 12.76 -7.07 -1.90
C THR A 64 13.79 -5.97 -2.07
N TYR A 65 13.42 -4.75 -1.69
CA TYR A 65 14.33 -3.62 -1.74
C TYR A 65 15.12 -3.49 -0.45
N ALA A 66 16.19 -2.70 -0.51
CA ALA A 66 17.00 -2.47 0.67
C ALA A 66 16.32 -1.56 1.68
N THR A 67 15.42 -0.66 1.22
CA THR A 67 14.77 0.31 2.09
C THR A 67 13.32 0.52 1.70
N VAL A 68 12.54 0.99 2.67
CA VAL A 68 11.14 1.32 2.43
C VAL A 68 11.00 2.47 1.44
N GLU A 69 11.90 3.45 1.49
CA GLU A 69 11.82 4.54 0.51
C GLU A 69 11.95 4.02 -0.91
N GLU A 70 12.72 2.94 -1.12
CA GLU A 70 12.82 2.35 -2.45
C GLU A 70 11.50 1.68 -2.85
N VAL A 71 10.83 1.02 -1.90
CA VAL A 71 9.50 0.48 -2.19
C VAL A 71 8.57 1.58 -2.65
N ASP A 72 8.55 2.70 -1.90
CA ASP A 72 7.74 3.85 -2.28
C ASP A 72 8.08 4.32 -3.68
N ALA A 73 9.37 4.41 -4.01
CA ALA A 73 9.75 4.85 -5.34
C ALA A 73 9.21 3.92 -6.42
N ALA A 74 9.31 2.61 -6.20
CA ALA A 74 8.76 1.66 -7.14
C ALA A 74 7.25 1.83 -7.28
N MET A 75 6.55 1.97 -6.16
CA MET A 75 5.09 2.12 -6.23
C MET A 75 4.71 3.42 -6.92
N ASN A 76 5.47 4.49 -6.71
CA ASN A 76 5.15 5.77 -7.33
C ASN A 76 5.43 5.74 -8.83
N ALA A 77 6.19 4.76 -9.32
CA ALA A 77 6.49 4.63 -10.74
C ALA A 77 5.50 3.74 -11.48
N ARG A 78 4.48 3.21 -10.80
CA ARG A 78 3.43 2.50 -11.52
C ARG A 78 2.76 3.44 -12.52
N PRO A 79 2.18 2.90 -13.60
CA PRO A 79 2.10 1.49 -13.94
C PRO A 79 3.42 0.94 -14.45
N HIS A 80 3.73 -0.30 -14.08
CA HIS A 80 4.94 -0.98 -14.51
C HIS A 80 4.60 -1.96 -15.61
N LYS A 81 5.23 -1.77 -16.77
CA LYS A 81 5.13 -2.73 -17.87
C LYS A 81 6.43 -3.52 -17.88
N VAL A 82 6.34 -4.81 -17.54
CA VAL A 82 7.50 -5.67 -17.37
C VAL A 82 7.43 -6.72 -18.45
N ASP A 83 8.43 -6.75 -19.33
CA ASP A 83 8.45 -7.71 -20.42
C ASP A 83 7.15 -7.65 -21.22
N GLY A 84 6.62 -6.44 -21.40
CA GLY A 84 5.49 -6.22 -22.28
C GLY A 84 4.12 -6.32 -21.66
N ARG A 85 4.03 -6.61 -20.36
CA ARG A 85 2.74 -6.77 -19.70
C ARG A 85 2.69 -5.86 -18.48
N VAL A 86 1.56 -5.18 -18.28
CA VAL A 86 1.39 -4.35 -17.09
C VAL A 86 1.15 -5.26 -15.89
N VAL A 87 1.99 -5.11 -14.88
CA VAL A 87 1.97 -5.99 -13.71
C VAL A 87 1.26 -5.28 -12.57
N GLU A 88 1.06 -5.99 -11.46
CA GLU A 88 0.30 -5.48 -10.31
C GLU A 88 1.12 -5.60 -9.04
N PRO A 89 1.89 -4.56 -8.67
CA PRO A 89 2.68 -4.62 -7.46
C PRO A 89 1.83 -4.27 -6.25
N LYS A 90 2.08 -4.99 -5.17
CA LYS A 90 1.39 -4.71 -3.88
C LYS A 90 2.39 -4.93 -2.73
N ARG A 91 2.33 -4.09 -1.72
CA ARG A 91 3.19 -4.23 -0.53
C ARG A 91 2.45 -5.07 0.53
N ALA A 92 3.18 -5.62 1.49
CA ALA A 92 2.57 -6.45 2.55
C ALA A 92 1.94 -5.62 3.66
N VAL A 93 0.83 -6.10 4.17
CA VAL A 93 0.14 -5.42 5.30
C VAL A 93 -0.09 -6.53 6.34
N SER A 94 -0.30 -6.17 7.60
CA SER A 94 -0.48 -7.19 8.67
C SER A 94 -1.80 -7.93 8.47
N PRO A 101 -3.76 -14.23 6.68
CA PRO A 101 -4.05 -15.50 6.00
C PRO A 101 -3.26 -15.58 4.70
N GLY A 102 -2.33 -14.64 4.50
CA GLY A 102 -1.62 -14.55 3.25
C GLY A 102 -2.37 -13.88 2.13
N ALA A 103 -3.56 -13.35 2.40
CA ALA A 103 -4.37 -12.67 1.40
C ALA A 103 -4.33 -11.17 1.66
N HIS A 104 -4.16 -10.39 0.59
CA HIS A 104 -4.14 -8.94 0.66
C HIS A 104 -5.57 -8.45 0.48
N LEU A 105 -6.03 -7.62 1.41
CA LEU A 105 -7.34 -6.98 1.31
C LEU A 105 -7.11 -5.65 0.60
N THR A 106 -7.28 -5.64 -0.71
CA THR A 106 -6.94 -4.48 -1.52
C THR A 106 -8.11 -3.50 -1.54
N VAL A 107 -8.02 -2.44 -0.74
CA VAL A 107 -9.09 -1.45 -0.65
C VAL A 107 -8.49 -0.06 -0.71
N LYS A 108 -9.36 0.91 -0.96
CA LYS A 108 -8.97 2.29 -1.14
C LYS A 108 -9.51 3.19 -0.03
N LYS A 109 -10.12 2.61 0.99
CA LYS A 109 -10.83 3.39 2.01
C LYS A 109 -10.34 2.99 3.38
N ILE A 110 -10.20 3.99 4.27
CA ILE A 110 -9.83 3.76 5.66
C ILE A 110 -10.89 4.31 6.59
N PHE A 111 -11.00 3.65 7.73
CA PHE A 111 -11.67 4.16 8.92
C PHE A 111 -10.62 4.86 9.78
N VAL A 112 -10.98 6.03 10.28
CA VAL A 112 -10.12 6.84 11.15
C VAL A 112 -10.91 7.12 12.43
N GLY A 113 -10.49 6.51 13.53
CA GLY A 113 -11.20 6.69 14.79
C GLY A 113 -10.41 7.46 15.82
N GLY A 114 -11.08 7.98 16.83
CA GLY A 114 -10.42 8.70 17.89
C GLY A 114 -10.21 10.17 17.61
N ILE A 115 -10.92 10.73 16.63
CA ILE A 115 -10.69 12.12 16.24
C ILE A 115 -11.55 13.09 17.02
N LYS A 116 -12.48 12.59 17.85
CA LYS A 116 -13.28 13.41 18.75
C LYS A 116 -14.17 14.39 17.99
N GLU A 117 -14.59 15.47 18.64
CA GLU A 117 -15.51 16.42 18.04
C GLU A 117 -14.83 17.63 17.41
N ASP A 118 -13.55 17.87 17.66
CA ASP A 118 -12.89 19.07 17.17
C ASP A 118 -12.12 18.85 15.87
N THR A 119 -12.14 17.65 15.31
CA THR A 119 -11.39 17.39 14.09
C THR A 119 -12.26 17.65 12.87
N GLU A 120 -11.73 18.45 11.94
CA GLU A 120 -12.42 18.90 10.74
C GLU A 120 -11.79 18.30 9.49
N GLU A 121 -12.41 18.57 8.34
CA GLU A 121 -11.96 17.97 7.08
C GLU A 121 -10.53 18.37 6.75
N HIS A 122 -10.17 19.64 6.94
CA HIS A 122 -8.83 20.07 6.58
C HIS A 122 -7.78 19.38 7.43
N HIS A 123 -8.09 19.04 8.68
CA HIS A 123 -7.14 18.27 9.50
C HIS A 123 -6.84 16.93 8.86
N LEU A 124 -7.90 16.22 8.43
CA LEU A 124 -7.69 14.92 7.83
C LEU A 124 -7.04 15.05 6.46
N ARG A 125 -7.46 16.04 5.67
CA ARG A 125 -6.90 16.22 4.35
C ARG A 125 -5.42 16.57 4.42
N ASP A 126 -5.06 17.52 5.28
CA ASP A 126 -3.67 17.97 5.34
C ASP A 126 -2.75 16.82 5.76
N TYR A 127 -3.23 15.93 6.63
CA TYR A 127 -2.42 14.80 7.06
C TYR A 127 -2.37 13.70 5.99
N PHE A 128 -3.54 13.24 5.56
CA PHE A 128 -3.59 12.04 4.72
C PHE A 128 -3.20 12.29 3.27
N GLU A 129 -3.23 13.54 2.79
CA GLU A 129 -2.89 13.80 1.41
C GLU A 129 -1.44 13.43 1.09
N GLN A 130 -0.57 13.34 2.09
CA GLN A 130 0.79 12.92 1.86
C GLN A 130 0.94 11.42 1.70
N TYR A 131 -0.12 10.66 1.93
CA TYR A 131 -0.10 9.23 1.66
C TYR A 131 -0.64 8.90 0.27
N GLY A 132 -1.48 9.76 -0.27
CA GLY A 132 -2.01 9.54 -1.61
C GLY A 132 -3.08 10.56 -1.91
N LYS A 133 -3.63 10.43 -3.11
CA LYS A 133 -4.61 11.38 -3.60
C LYS A 133 -5.97 11.06 -3.00
N ILE A 134 -6.55 12.04 -2.30
CA ILE A 134 -7.82 11.82 -1.62
C ILE A 134 -8.97 12.14 -2.57
N GLU A 135 -9.97 11.25 -2.59
CA GLU A 135 -11.19 11.51 -3.34
C GLU A 135 -12.38 11.86 -2.47
N VAL A 136 -12.51 11.28 -1.27
CA VAL A 136 -13.65 11.52 -0.39
C VAL A 136 -13.17 11.58 1.05
N ILE A 137 -13.64 12.57 1.80
CA ILE A 137 -13.50 12.60 3.25
C ILE A 137 -14.89 12.68 3.84
N GLU A 138 -15.23 11.73 4.70
CA GLU A 138 -16.55 11.70 5.32
C GLU A 138 -16.38 11.73 6.84
N ILE A 139 -16.66 12.87 7.45
CA ILE A 139 -16.63 13.00 8.91
C ILE A 139 -18.00 12.60 9.43
N MET A 140 -18.04 11.59 10.30
CA MET A 140 -19.30 10.95 10.64
C MET A 140 -20.02 11.78 11.70
N THR A 141 -21.32 11.96 11.50
CA THR A 141 -22.15 12.74 12.41
C THR A 141 -23.36 11.91 12.83
N ASP A 142 -23.90 12.26 13.99
CA ASP A 142 -25.03 11.53 14.54
C ASP A 142 -26.28 11.76 13.70
N ARG A 143 -26.95 10.66 13.34
CA ARG A 143 -28.13 10.70 12.47
C ARG A 143 -29.23 11.54 13.07
N GLY A 144 -29.31 11.61 14.40
CA GLY A 144 -30.38 12.34 15.07
C GLY A 144 -30.03 13.76 15.43
N SER A 145 -28.82 13.99 15.98
CA SER A 145 -28.43 15.28 16.52
C SER A 145 -27.50 16.07 15.62
N GLY A 146 -26.85 15.42 14.66
CA GLY A 146 -25.84 16.07 13.85
C GLY A 146 -24.50 16.27 14.51
N LYS A 147 -24.34 15.85 15.77
CA LYS A 147 -23.06 16.03 16.45
C LYS A 147 -22.02 15.07 15.87
N LYS A 148 -20.78 15.52 15.87
CA LYS A 148 -19.70 14.69 15.35
C LYS A 148 -19.54 13.46 16.24
N ARG A 149 -19.33 12.29 15.61
CA ARG A 149 -19.25 11.06 16.37
C ARG A 149 -17.83 10.66 16.72
N GLY A 150 -16.84 11.38 16.22
CA GLY A 150 -15.46 11.07 16.55
C GLY A 150 -14.78 10.09 15.63
N PHE A 151 -15.31 9.89 14.41
CA PHE A 151 -14.63 9.04 13.44
C PHE A 151 -14.96 9.51 12.03
N ALA A 152 -14.18 9.01 11.07
CA ALA A 152 -14.28 9.47 9.70
C ALA A 152 -13.84 8.35 8.78
N PHE A 153 -14.19 8.49 7.51
CA PHE A 153 -13.67 7.62 6.46
C PHE A 153 -12.98 8.49 5.42
N VAL A 154 -11.84 8.00 4.93
CA VAL A 154 -11.12 8.66 3.86
C VAL A 154 -10.96 7.66 2.71
N THR A 155 -11.32 8.10 1.50
CA THR A 155 -11.20 7.28 0.30
C THR A 155 -10.13 7.89 -0.60
N PHE A 156 -9.19 7.06 -1.03
CA PHE A 156 -8.09 7.45 -1.91
C PHE A 156 -8.34 6.93 -3.31
N ASP A 157 -7.53 7.42 -4.25
CA ASP A 157 -7.64 6.92 -5.62
C ASP A 157 -6.93 5.60 -5.86
N ASP A 158 -6.25 5.06 -4.86
CA ASP A 158 -5.42 3.88 -5.09
C ASP A 158 -5.13 3.21 -3.76
N HIS A 159 -4.93 1.90 -3.82
CA HIS A 159 -4.79 1.08 -2.62
C HIS A 159 -3.46 1.28 -1.90
N ASP A 160 -2.41 1.74 -2.59
CA ASP A 160 -1.11 1.77 -1.91
C ASP A 160 -1.10 2.78 -0.78
N SER A 161 -1.85 3.88 -0.94
CA SER A 161 -2.01 4.85 0.14
CA SER A 161 -2.01 4.85 0.13
C SER A 161 -2.48 4.16 1.41
N VAL A 162 -3.54 3.38 1.31
CA VAL A 162 -4.09 2.65 2.44
C VAL A 162 -3.06 1.67 3.01
N ASP A 163 -2.36 0.96 2.12
CA ASP A 163 -1.38 -0.01 2.59
C ASP A 163 -0.29 0.67 3.41
N LYS A 164 0.21 1.82 2.95
CA LYS A 164 1.21 2.55 3.72
C LYS A 164 0.64 3.01 5.06
N ILE A 165 -0.60 3.46 5.07
CA ILE A 165 -1.20 4.01 6.26
C ILE A 165 -1.33 2.94 7.34
N VAL A 166 -1.85 1.76 6.99
CA VAL A 166 -2.22 0.79 8.03
C VAL A 166 -1.01 0.08 8.62
N ILE A 167 0.15 0.14 7.98
CA ILE A 167 1.33 -0.48 8.56
C ILE A 167 2.06 0.42 9.55
N GLN A 168 1.74 1.72 9.60
CA GLN A 168 2.30 2.58 10.63
C GLN A 168 1.76 2.18 12.00
N LYS A 169 2.63 2.25 13.01
CA LYS A 169 2.19 2.02 14.38
C LYS A 169 1.29 3.13 14.90
N TYR A 170 1.50 4.38 14.45
CA TYR A 170 0.85 5.55 15.05
C TYR A 170 0.37 6.48 13.95
N HIS A 171 -0.75 7.17 14.22
CA HIS A 171 -1.23 8.28 13.41
C HIS A 171 -1.68 9.36 14.36
N THR A 172 -1.12 10.55 14.20
CA THR A 172 -1.46 11.71 15.02
C THR A 172 -2.09 12.75 14.12
N VAL A 173 -3.36 13.06 14.38
CA VAL A 173 -4.11 14.04 13.60
C VAL A 173 -4.78 14.97 14.59
N ASN A 174 -4.54 16.27 14.44
CA ASN A 174 -5.18 17.27 15.30
C ASN A 174 -4.91 16.98 16.77
N GLY A 175 -3.70 16.53 17.06
CA GLY A 175 -3.29 16.22 18.42
C GLY A 175 -3.88 14.94 19.00
N HIS A 176 -4.65 14.18 18.23
CA HIS A 176 -5.24 12.94 18.69
C HIS A 176 -4.44 11.76 18.18
N ASN A 177 -4.27 10.76 19.03
CA ASN A 177 -3.72 9.47 18.62
C ASN A 177 -4.85 8.63 18.03
N CYS A 178 -4.81 8.40 16.72
CA CYS A 178 -5.93 7.82 16.01
C CYS A 178 -5.75 6.33 15.76
N GLU A 179 -6.88 5.64 15.67
CA GLU A 179 -6.91 4.25 15.24
C GLU A 179 -7.33 4.25 13.77
N VAL A 180 -6.53 3.61 12.93
CA VAL A 180 -6.80 3.60 11.50
C VAL A 180 -6.81 2.16 11.02
N ARG A 181 -7.87 1.79 10.31
CA ARG A 181 -8.01 0.45 9.75
C ARG A 181 -8.51 0.53 8.32
N LYS A 182 -8.29 -0.55 7.58
CA LYS A 182 -8.91 -0.71 6.27
C LYS A 182 -10.43 -0.78 6.44
N ALA A 183 -11.17 -0.13 5.53
CA ALA A 183 -12.62 -0.13 5.55
C ALA A 183 -13.17 -0.73 4.25
N LEU A 184 -14.18 -1.57 4.40
CA LEU A 184 -14.79 -2.27 3.26
C LEU A 184 -16.16 -1.69 2.91
#